data_5FDZ
#
_entry.id   5FDZ
#
_cell.length_a   99.770
_cell.length_b   99.770
_cell.length_c   100.900
_cell.angle_alpha   90.00
_cell.angle_beta   90.00
_cell.angle_gamma   120.00
#
_symmetry.space_group_name_H-M   'H 3'
#
loop_
_entity.id
_entity.type
_entity.pdbx_description
1 polymer 'Histone acetyltransferase KAT2B'
2 non-polymer ~{N}-methyl-2-(oxan-4-yloxy)-5-(2-oxidanylidene-2-phenylazanyl-ethoxy)benzamide
3 non-polymer 1,2-ETHANEDIOL
4 water water
#
_entity_poly.entity_id   1
_entity_poly.type   'polypeptide(L)'
_entity_poly.pdbx_seq_one_letter_code
;SMGKEKSKEPRDPDQLYSTLKSILQQVKSHQSAWPFMEPVKRTEAPGYYEVIRFPMDLKTMSERLKNRYYVSKKLFMADL
QRVFTNCKEYNPPESEYYKCANILEKFFFSKIKEAGLID
;
_entity_poly.pdbx_strand_id   A,B
#
loop_
_chem_comp.id
_chem_comp.type
_chem_comp.name
_chem_comp.formula
5X0 non-polymer ~{N}-methyl-2-(oxan-4-yloxy)-5-(2-oxidanylidene-2-phenylazanyl-ethoxy)benzamide 'C21 H24 N2 O5'
EDO non-polymer 1,2-ETHANEDIOL 'C2 H6 O2'
#
# COMPACT_ATOMS: atom_id res chain seq x y z
N ASP A 12 10.17 -12.75 -21.45
CA ASP A 12 9.19 -12.57 -22.56
C ASP A 12 8.40 -11.25 -22.34
N PRO A 13 8.59 -10.26 -23.25
CA PRO A 13 7.96 -8.94 -23.07
C PRO A 13 6.45 -8.89 -23.36
N ASP A 14 6.00 -9.57 -24.44
CA ASP A 14 4.57 -9.64 -24.79
C ASP A 14 3.78 -10.66 -23.99
N GLN A 15 4.49 -11.54 -23.30
CA GLN A 15 3.87 -12.32 -22.24
C GLN A 15 3.43 -11.37 -21.14
N LEU A 16 4.39 -10.60 -20.63
CA LEU A 16 4.14 -9.64 -19.56
C LEU A 16 3.03 -8.67 -19.96
N TYR A 17 3.18 -8.07 -21.15
CA TYR A 17 2.23 -7.11 -21.67
C TYR A 17 0.78 -7.63 -21.70
N SER A 18 0.60 -8.84 -22.23
CA SER A 18 -0.73 -9.45 -22.31
C SER A 18 -1.35 -9.72 -20.94
N THR A 19 -0.53 -10.18 -20.02
CA THR A 19 -0.95 -10.46 -18.66
C THR A 19 -1.38 -9.19 -17.95
N LEU A 20 -0.55 -8.15 -18.05
CA LEU A 20 -0.82 -6.85 -17.40
C LEU A 20 -2.06 -6.16 -17.99
N LYS A 21 -2.19 -6.22 -19.30
CA LYS A 21 -3.39 -5.76 -20.00
C LYS A 21 -4.65 -6.44 -19.47
N SER A 22 -4.60 -7.77 -19.42
CA SER A 22 -5.71 -8.55 -18.90
C SER A 22 -6.02 -8.15 -17.47
N ILE A 23 -5.01 -8.11 -16.62
CA ILE A 23 -5.21 -7.74 -15.23
C ILE A 23 -5.78 -6.33 -15.10
N LEU A 24 -5.16 -5.37 -15.78
CA LEU A 24 -5.60 -3.98 -15.69
C LEU A 24 -7.02 -3.81 -16.17
N GLN A 25 -7.35 -4.46 -17.27
CA GLN A 25 -8.70 -4.39 -17.81
C GLN A 25 -9.74 -5.00 -16.85
N GLN A 26 -9.38 -6.05 -16.15
CA GLN A 26 -10.29 -6.65 -15.18
C GLN A 26 -10.48 -5.75 -13.96
N VAL A 27 -9.41 -5.11 -13.53
CA VAL A 27 -9.45 -4.11 -12.45
C VAL A 27 -10.38 -2.95 -12.87
N LYS A 28 -10.18 -2.43 -14.06
CA LYS A 28 -11.02 -1.33 -14.56
C LYS A 28 -12.51 -1.66 -14.67
N SER A 29 -12.83 -2.92 -14.98
CA SER A 29 -14.22 -3.37 -15.10
C SER A 29 -14.87 -3.72 -13.77
N HIS A 30 -14.07 -3.81 -12.72
CA HIS A 30 -14.57 -4.13 -11.41
C HIS A 30 -15.52 -3.03 -10.92
N GLN A 31 -16.52 -3.43 -10.16
CA GLN A 31 -17.59 -2.54 -9.71
C GLN A 31 -17.14 -1.49 -8.67
N SER A 32 -15.90 -1.57 -8.20
CA SER A 32 -15.35 -0.65 -7.19
C SER A 32 -14.23 0.21 -7.79
N ALA A 33 -14.05 0.13 -9.11
CA ALA A 33 -13.02 0.83 -9.82
C ALA A 33 -13.39 2.27 -10.12
N TRP A 34 -14.67 2.56 -10.13
CA TRP A 34 -15.19 3.85 -10.60
C TRP A 34 -14.52 5.12 -10.01
N PRO A 35 -14.14 5.12 -8.72
CA PRO A 35 -13.41 6.30 -8.23
C PRO A 35 -12.01 6.51 -8.81
N PHE A 36 -11.45 5.50 -9.46
CA PHE A 36 -10.03 5.50 -9.83
C PHE A 36 -9.79 5.53 -11.34
N MET A 37 -10.87 5.73 -12.08
CA MET A 37 -10.82 5.59 -13.52
C MET A 37 -10.08 6.71 -14.20
N GLU A 38 -10.15 7.91 -13.64
CA GLU A 38 -9.56 9.09 -14.29
C GLU A 38 -8.83 9.96 -13.30
N PRO A 39 -7.91 10.82 -13.81
CA PRO A 39 -7.30 11.78 -12.93
C PRO A 39 -8.35 12.54 -12.13
N VAL A 40 -8.12 12.63 -10.83
CA VAL A 40 -9.03 13.35 -9.93
C VAL A 40 -8.98 14.82 -10.34
N LYS A 41 -10.16 15.45 -10.41
CA LYS A 41 -10.29 16.86 -10.82
C LYS A 41 -10.20 17.76 -9.60
N ARG A 42 -9.46 18.85 -9.72
CA ARG A 42 -9.36 19.81 -8.62
C ARG A 42 -10.71 20.40 -8.21
N THR A 43 -11.66 20.46 -9.15
CA THR A 43 -13.02 20.94 -8.87
C THR A 43 -13.77 20.05 -7.90
N GLU A 44 -13.56 18.75 -8.01
CA GLU A 44 -14.23 17.77 -7.14
C GLU A 44 -13.47 17.41 -5.84
N ALA A 45 -12.16 17.68 -5.77
CA ALA A 45 -11.32 17.27 -4.62
C ALA A 45 -10.52 18.43 -4.03
N PRO A 46 -11.09 19.14 -3.03
CA PRO A 46 -10.45 20.34 -2.46
C PRO A 46 -8.98 20.13 -2.04
N GLY A 47 -8.09 20.97 -2.60
CA GLY A 47 -6.64 20.91 -2.31
C GLY A 47 -5.96 19.56 -2.52
N TYR A 48 -6.50 18.75 -3.44
CA TYR A 48 -5.96 17.40 -3.67
C TYR A 48 -4.52 17.45 -4.12
N TYR A 49 -4.22 18.32 -5.08
CA TYR A 49 -2.88 18.38 -5.67
C TYR A 49 -1.84 19.10 -4.80
N GLU A 50 -2.28 19.68 -3.68
CA GLU A 50 -1.36 20.15 -2.64
C GLU A 50 -0.89 18.97 -1.77
N VAL A 51 -1.78 18.02 -1.52
CA VAL A 51 -1.50 16.87 -0.63
C VAL A 51 -0.80 15.73 -1.37
N ILE A 52 -1.28 15.43 -2.57
CA ILE A 52 -0.86 14.26 -3.31
C ILE A 52 0.11 14.68 -4.41
N ARG A 53 1.40 14.35 -4.23
CA ARG A 53 2.45 14.76 -5.17
C ARG A 53 2.61 13.83 -6.36
N PHE A 54 2.23 12.56 -6.18
CA PHE A 54 2.36 11.57 -7.24
C PHE A 54 0.98 11.00 -7.59
N PRO A 55 0.11 11.81 -8.23
CA PRO A 55 -1.25 11.33 -8.57
C PRO A 55 -1.22 10.19 -9.60
N MET A 56 -2.16 9.26 -9.48
CA MET A 56 -2.24 8.11 -10.38
C MET A 56 -3.68 7.64 -10.55
N ASP A 57 -3.96 7.09 -11.72
CA ASP A 57 -5.28 6.58 -12.01
C ASP A 57 -5.21 5.53 -13.09
N LEU A 58 -6.31 4.83 -13.29
CA LEU A 58 -6.35 3.70 -14.22
C LEU A 58 -6.28 4.12 -15.68
N LYS A 59 -6.78 5.31 -16.02
CA LYS A 59 -6.62 5.80 -17.38
C LYS A 59 -5.14 5.96 -17.67
N THR A 60 -4.47 6.69 -16.81
CA THR A 60 -3.04 6.96 -16.93
C THR A 60 -2.25 5.67 -16.97
N MET A 61 -2.66 4.68 -16.18
CA MET A 61 -2.02 3.37 -16.20
C MET A 61 -2.23 2.65 -17.54
N SER A 62 -3.44 2.75 -18.10
CA SER A 62 -3.71 2.23 -19.46
C SER A 62 -2.78 2.83 -20.50
N GLU A 63 -2.51 4.14 -20.39
CA GLU A 63 -1.65 4.81 -21.35
C GLU A 63 -0.23 4.37 -21.20
N ARG A 64 0.25 4.35 -19.97
CA ARG A 64 1.57 3.85 -19.65
C ARG A 64 1.79 2.44 -20.15
N LEU A 65 0.78 1.60 -20.00
CA LEU A 65 0.82 0.25 -20.53
C LEU A 65 0.96 0.27 -22.06
N LYS A 66 0.06 0.98 -22.73
CA LYS A 66 0.10 1.17 -24.18
C LYS A 66 1.45 1.73 -24.65
N ASN A 67 1.98 2.67 -23.86
CA ASN A 67 3.29 3.26 -24.11
C ASN A 67 4.50 2.37 -23.75
N ARG A 68 4.25 1.10 -23.42
CA ARG A 68 5.31 0.13 -23.12
C ARG A 68 6.18 0.53 -21.95
N TYR A 69 5.58 1.17 -20.97
CA TYR A 69 6.29 1.60 -19.77
C TYR A 69 6.47 0.44 -18.80
N TYR A 70 5.47 -0.44 -18.72
CA TYR A 70 5.48 -1.51 -17.71
C TYR A 70 6.31 -2.71 -18.17
N VAL A 71 7.63 -2.55 -18.12
CA VAL A 71 8.61 -3.58 -18.50
C VAL A 71 8.88 -4.59 -17.37
N SER A 72 8.39 -4.30 -16.17
CA SER A 72 8.42 -5.22 -15.03
C SER A 72 7.14 -5.17 -14.18
N LYS A 73 6.78 -6.31 -13.61
CA LYS A 73 5.76 -6.41 -12.53
C LYS A 73 5.87 -5.26 -11.55
N LYS A 74 7.07 -5.05 -11.02
CA LYS A 74 7.35 -4.08 -9.95
C LYS A 74 6.85 -2.66 -10.27
N LEU A 75 7.02 -2.24 -11.52
CA LEU A 75 6.56 -0.91 -11.99
C LEU A 75 5.05 -0.79 -12.01
N PHE A 76 4.40 -1.80 -12.59
CA PHE A 76 2.96 -1.93 -12.62
C PHE A 76 2.36 -1.94 -11.22
N MET A 77 2.92 -2.73 -10.32
CA MET A 77 2.43 -2.80 -8.95
C MET A 77 2.55 -1.44 -8.31
N ALA A 78 3.68 -0.78 -8.53
CA ALA A 78 3.98 0.49 -7.87
C ALA A 78 2.92 1.55 -8.19
N ASP A 79 2.58 1.67 -9.47
CA ASP A 79 1.53 2.61 -9.92
C ASP A 79 0.16 2.25 -9.38
N LEU A 80 -0.17 0.96 -9.40
CA LEU A 80 -1.46 0.54 -8.89
C LEU A 80 -1.55 0.74 -7.40
N GLN A 81 -0.48 0.40 -6.66
CA GLN A 81 -0.47 0.67 -5.19
CA GLN A 81 -0.45 0.64 -5.22
C GLN A 81 -0.57 2.15 -4.93
N ARG A 82 0.07 2.97 -5.77
CA ARG A 82 -0.01 4.43 -5.62
C ARG A 82 -1.45 4.94 -5.72
N VAL A 83 -2.23 4.34 -6.61
CA VAL A 83 -3.64 4.66 -6.72
C VAL A 83 -4.29 4.49 -5.35
N PHE A 84 -3.99 3.38 -4.68
CA PHE A 84 -4.65 3.04 -3.42
C PHE A 84 -4.13 3.90 -2.26
N THR A 85 -2.84 4.18 -2.25
CA THR A 85 -2.23 4.92 -1.13
C THR A 85 -2.58 6.39 -1.21
N ASN A 86 -2.63 6.95 -2.43
CA ASN A 86 -3.19 8.30 -2.63
C ASN A 86 -4.57 8.41 -2.03
N CYS A 87 -5.42 7.44 -2.35
CA CYS A 87 -6.81 7.44 -1.89
C CYS A 87 -6.94 7.36 -0.37
N LYS A 88 -6.12 6.52 0.25
CA LYS A 88 -6.21 6.30 1.69
C LYS A 88 -5.57 7.45 2.47
N GLU A 89 -4.54 8.07 1.87
CA GLU A 89 -3.92 9.31 2.37
C GLU A 89 -4.87 10.49 2.40
N TYR A 90 -5.67 10.64 1.36
CA TYR A 90 -6.54 11.80 1.20
C TYR A 90 -7.92 11.64 1.88
N ASN A 91 -8.52 10.45 1.80
CA ASN A 91 -9.89 10.26 2.27
C ASN A 91 -10.01 9.67 3.69
N PRO A 92 -11.15 9.93 4.37
CA PRO A 92 -11.49 9.27 5.64
C PRO A 92 -11.61 7.74 5.54
N PRO A 93 -11.22 7.02 6.61
CA PRO A 93 -11.22 5.54 6.60
C PRO A 93 -12.56 4.86 6.26
N GLU A 94 -13.66 5.45 6.70
CA GLU A 94 -15.00 4.92 6.44
C GLU A 94 -15.69 5.60 5.24
N SER A 95 -14.96 6.38 4.45
CA SER A 95 -15.51 6.94 3.21
C SER A 95 -15.68 5.84 2.17
N GLU A 96 -16.62 6.05 1.24
CA GLU A 96 -16.88 5.10 0.16
C GLU A 96 -15.63 4.88 -0.67
N TYR A 97 -14.85 5.94 -0.89
CA TYR A 97 -13.65 5.83 -1.71
C TYR A 97 -12.58 4.96 -1.04
N TYR A 98 -12.38 5.13 0.27
CA TYR A 98 -11.45 4.30 1.04
C TYR A 98 -11.88 2.83 0.97
N LYS A 99 -13.16 2.54 1.21
CA LYS A 99 -13.69 1.17 1.13
C LYS A 99 -13.45 0.54 -0.24
N CYS A 100 -13.76 1.31 -1.30
CA CYS A 100 -13.51 0.88 -2.70
C CYS A 100 -12.04 0.56 -2.94
N ALA A 101 -11.15 1.38 -2.40
CA ALA A 101 -9.70 1.16 -2.53
C ALA A 101 -9.29 -0.23 -2.03
N ASN A 102 -9.81 -0.63 -0.88
CA ASN A 102 -9.46 -1.92 -0.27
C ASN A 102 -10.15 -3.11 -0.92
N ILE A 103 -11.40 -2.94 -1.34
CA ILE A 103 -12.09 -3.99 -2.11
C ILE A 103 -11.32 -4.23 -3.41
N LEU A 104 -10.95 -3.16 -4.08
CA LEU A 104 -10.30 -3.28 -5.37
C LEU A 104 -8.89 -3.81 -5.23
N GLU A 105 -8.23 -3.42 -4.17
CA GLU A 105 -6.91 -3.96 -3.86
C GLU A 105 -6.93 -5.47 -3.63
N LYS A 106 -7.89 -5.94 -2.83
CA LYS A 106 -8.09 -7.38 -2.63
C LYS A 106 -8.27 -8.10 -3.94
N PHE A 107 -9.12 -7.55 -4.80
CA PHE A 107 -9.40 -8.14 -6.10
C PHE A 107 -8.12 -8.20 -6.94
N PHE A 108 -7.46 -7.06 -7.01
CA PHE A 108 -6.16 -6.93 -7.64
C PHE A 108 -5.17 -8.04 -7.24
N PHE A 109 -4.95 -8.20 -5.95
CA PHE A 109 -4.01 -9.23 -5.49
C PHE A 109 -4.43 -10.63 -5.88
N SER A 110 -5.73 -10.91 -5.86
CA SER A 110 -6.23 -12.24 -6.25
C SER A 110 -5.94 -12.50 -7.72
N LYS A 111 -6.01 -11.47 -8.55
CA LYS A 111 -5.72 -11.61 -9.98
C LYS A 111 -4.25 -11.75 -10.30
N ILE A 112 -3.39 -11.09 -9.53
CA ILE A 112 -1.93 -11.25 -9.64
C ILE A 112 -1.48 -12.66 -9.24
N LYS A 113 -2.00 -13.15 -8.12
CA LYS A 113 -1.73 -14.48 -7.66
C LYS A 113 -2.19 -15.50 -8.70
N GLU A 114 -3.38 -15.29 -9.26
CA GLU A 114 -3.90 -16.15 -10.35
C GLU A 114 -2.96 -16.24 -11.54
N ALA A 115 -2.34 -15.13 -11.90
CA ALA A 115 -1.45 -15.07 -13.06
C ALA A 115 -0.05 -15.60 -12.76
N GLY A 116 0.31 -15.71 -11.48
CA GLY A 116 1.66 -16.12 -11.07
C GLY A 116 2.69 -15.06 -11.39
N LEU A 117 2.32 -13.79 -11.27
CA LEU A 117 3.24 -12.69 -11.57
C LEU A 117 4.31 -12.64 -10.47
N ILE A 118 5.58 -12.82 -10.85
CA ILE A 118 6.70 -13.05 -9.90
C ILE A 118 8.02 -12.44 -10.41
N PRO B 13 14.49 17.98 14.88
CA PRO B 13 14.74 16.53 14.72
C PRO B 13 14.14 15.65 15.85
N ASP B 14 14.25 16.11 17.09
CA ASP B 14 13.63 15.41 18.24
C ASP B 14 12.14 15.68 18.40
N GLN B 15 11.62 16.67 17.68
CA GLN B 15 10.18 16.78 17.46
C GLN B 15 9.71 15.57 16.65
N LEU B 16 10.32 15.39 15.48
CA LEU B 16 10.00 14.27 14.59
C LEU B 16 10.14 12.93 15.32
N TYR B 17 11.30 12.75 15.96
CA TYR B 17 11.60 11.53 16.69
C TYR B 17 10.54 11.18 17.73
N SER B 18 10.15 12.16 18.55
CA SER B 18 9.13 11.94 19.56
C SER B 18 7.78 11.54 18.98
N THR B 19 7.40 12.21 17.88
CA THR B 19 6.13 11.97 17.22
C THR B 19 6.09 10.56 16.64
N LEU B 20 7.17 10.19 15.96
CA LEU B 20 7.28 8.86 15.35
C LEU B 20 7.30 7.74 16.37
N LYS B 21 8.05 7.95 17.45
CA LYS B 21 8.06 7.05 18.59
C LYS B 21 6.66 6.82 19.14
N SER B 22 5.95 7.92 19.38
CA SER B 22 4.58 7.86 19.87
C SER B 22 3.69 7.07 18.90
N ILE B 23 3.75 7.43 17.63
CA ILE B 23 2.93 6.74 16.63
C ILE B 23 3.27 5.26 16.56
N LEU B 24 4.56 4.95 16.46
CA LEU B 24 5.00 3.57 16.33
C LEU B 24 4.59 2.75 17.53
N GLN B 25 4.73 3.33 18.70
CA GLN B 25 4.33 2.66 19.92
CA GLN B 25 4.33 2.67 19.93
C GLN B 25 2.84 2.36 19.95
N GLN B 26 2.04 3.31 19.48
CA GLN B 26 0.60 3.11 19.48
C GLN B 26 0.19 2.03 18.50
N VAL B 27 0.86 2.00 17.37
CA VAL B 27 0.68 0.95 16.37
C VAL B 27 1.04 -0.43 16.98
N LYS B 28 2.20 -0.50 17.62
CA LYS B 28 2.65 -1.77 18.24
C LYS B 28 1.75 -2.29 19.35
N SER B 29 1.11 -1.37 20.08
CA SER B 29 0.14 -1.71 21.14
C SER B 29 -1.28 -2.02 20.65
N HIS B 30 -1.55 -1.75 19.38
CA HIS B 30 -2.85 -2.02 18.80
C HIS B 30 -3.09 -3.53 18.80
N GLN B 31 -4.34 -3.90 19.00
CA GLN B 31 -4.75 -5.30 19.11
C GLN B 31 -4.60 -6.13 17.80
N SER B 32 -4.28 -5.48 16.69
CA SER B 32 -4.17 -6.13 15.38
C SER B 32 -2.71 -6.09 14.89
N ALA B 33 -1.79 -5.66 15.77
CA ALA B 33 -0.38 -5.52 15.45
C ALA B 33 0.37 -6.83 15.54
N TRP B 34 -0.18 -7.80 16.27
CA TRP B 34 0.51 -9.08 16.57
C TRP B 34 1.15 -9.82 15.38
N PRO B 35 0.54 -9.82 14.18
CA PRO B 35 1.22 -10.48 13.06
C PRO B 35 2.46 -9.77 12.55
N PHE B 36 2.64 -8.51 12.93
CA PHE B 36 3.64 -7.66 12.33
C PHE B 36 4.79 -7.31 13.26
N MET B 37 4.80 -7.95 14.42
CA MET B 37 5.70 -7.56 15.48
C MET B 37 7.13 -7.96 15.21
N GLU B 38 7.33 -9.06 14.46
CA GLU B 38 8.67 -9.58 14.18
C GLU B 38 8.88 -10.06 12.75
N PRO B 39 10.16 -10.13 12.29
CA PRO B 39 10.41 -10.67 10.98
C PRO B 39 9.72 -12.02 10.76
N VAL B 40 9.03 -12.15 9.64
CA VAL B 40 8.42 -13.42 9.25
C VAL B 40 9.54 -14.44 9.03
N LYS B 41 9.34 -15.66 9.53
CA LYS B 41 10.35 -16.73 9.40
C LYS B 41 10.07 -17.55 8.13
N ARG B 42 11.14 -17.89 7.40
CA ARG B 42 10.99 -18.76 6.22
C ARG B 42 10.42 -20.14 6.55
N THR B 43 10.63 -20.62 7.77
CA THR B 43 10.04 -21.88 8.23
C THR B 43 8.51 -21.85 8.30
N GLU B 44 7.94 -20.71 8.70
CA GLU B 44 6.47 -20.56 8.84
C GLU B 44 5.77 -20.04 7.56
N ALA B 45 6.50 -19.45 6.62
CA ALA B 45 5.90 -18.80 5.44
C ALA B 45 6.53 -19.31 4.14
N PRO B 46 5.97 -20.40 3.56
CA PRO B 46 6.55 -21.02 2.36
C PRO B 46 6.87 -20.04 1.21
N GLY B 47 8.14 -20.03 0.79
CA GLY B 47 8.62 -19.18 -0.29
C GLY B 47 8.36 -17.69 -0.13
N TYR B 48 8.27 -17.21 1.12
CA TYR B 48 7.98 -15.82 1.41
C TYR B 48 9.05 -14.90 0.83
N TYR B 49 10.33 -15.25 1.05
CA TYR B 49 11.43 -14.38 0.64
C TYR B 49 11.74 -14.43 -0.87
N GLU B 50 11.08 -15.34 -1.59
CA GLU B 50 11.08 -15.32 -3.07
C GLU B 50 10.11 -14.24 -3.58
N VAL B 51 8.98 -14.09 -2.90
CA VAL B 51 7.90 -13.18 -3.33
C VAL B 51 8.15 -11.75 -2.84
N ILE B 52 8.57 -11.63 -1.60
CA ILE B 52 8.68 -10.37 -0.91
C ILE B 52 10.16 -9.98 -0.84
N ARG B 53 10.56 -9.00 -1.65
CA ARG B 53 11.98 -8.59 -1.72
C ARG B 53 12.38 -7.59 -0.63
N PHE B 54 11.42 -6.82 -0.12
CA PHE B 54 11.70 -5.84 0.93
C PHE B 54 10.88 -6.12 2.17
N PRO B 55 11.23 -7.20 2.90
CA PRO B 55 10.49 -7.54 4.12
C PRO B 55 10.61 -6.45 5.19
N MET B 56 9.56 -6.27 6.00
CA MET B 56 9.56 -5.26 7.08
C MET B 56 8.64 -5.66 8.22
N ASP B 57 8.98 -5.18 9.43
CA ASP B 57 8.21 -5.49 10.63
C ASP B 57 8.45 -4.43 11.69
N LEU B 58 7.62 -4.44 12.72
CA LEU B 58 7.61 -3.38 13.73
C LEU B 58 8.81 -3.43 14.68
N LYS B 59 9.36 -4.62 14.91
CA LYS B 59 10.62 -4.71 15.64
C LYS B 59 11.72 -3.98 14.90
N THR B 60 11.92 -4.35 13.63
CA THR B 60 12.88 -3.73 12.75
C THR B 60 12.68 -2.21 12.64
N MET B 61 11.41 -1.77 12.59
CA MET B 61 11.10 -0.34 12.54
C MET B 61 11.50 0.34 13.85
N SER B 62 11.25 -0.32 14.98
CA SER B 62 11.73 0.20 16.29
C SER B 62 13.25 0.41 16.30
N GLU B 63 13.99 -0.53 15.71
CA GLU B 63 15.44 -0.46 15.69
C GLU B 63 15.88 0.71 14.83
N ARG B 64 15.34 0.77 13.63
CA ARG B 64 15.62 1.87 12.71
C ARG B 64 15.34 3.21 13.34
N LEU B 65 14.24 3.30 14.09
CA LEU B 65 13.91 4.53 14.80
C LEU B 65 14.97 4.86 15.83
N LYS B 66 15.29 3.90 16.68
CA LYS B 66 16.35 4.07 17.70
C LYS B 66 17.65 4.43 17.05
N ASN B 67 17.92 3.81 15.90
CA ASN B 67 19.13 4.09 15.12
C ASN B 67 19.11 5.42 14.35
N ARG B 68 18.10 6.27 14.58
CA ARG B 68 18.01 7.58 13.95
C ARG B 68 17.98 7.50 12.43
N TYR B 69 17.35 6.46 11.91
CA TYR B 69 17.17 6.31 10.49
C TYR B 69 16.01 7.17 9.96
N TYR B 70 14.97 7.34 10.76
CA TYR B 70 13.77 8.05 10.28
C TYR B 70 13.93 9.57 10.44
N VAL B 71 14.72 10.15 9.54
CA VAL B 71 14.99 11.60 9.49
C VAL B 71 13.87 12.39 8.76
N SER B 72 12.95 11.66 8.10
CA SER B 72 11.77 12.24 7.47
C SER B 72 10.54 11.34 7.64
N LYS B 73 9.38 11.98 7.74
CA LYS B 73 8.07 11.35 7.62
C LYS B 73 8.03 10.29 6.52
N LYS B 74 8.46 10.69 5.31
CA LYS B 74 8.40 9.84 4.12
C LYS B 74 9.03 8.46 4.31
N LEU B 75 10.18 8.42 4.99
CA LEU B 75 10.92 7.17 5.23
C LEU B 75 10.16 6.25 6.19
N PHE B 76 9.68 6.82 7.27
CA PHE B 76 8.81 6.14 8.22
C PHE B 76 7.54 5.57 7.58
N MET B 77 6.86 6.39 6.80
CA MET B 77 5.63 5.98 6.11
C MET B 77 5.93 4.83 5.20
N ALA B 78 7.03 4.94 4.46
CA ALA B 78 7.38 3.94 3.47
C ALA B 78 7.51 2.54 4.10
N ASP B 79 8.27 2.46 5.20
CA ASP B 79 8.49 1.19 5.92
C ASP B 79 7.20 0.66 6.49
N LEU B 80 6.40 1.52 7.10
CA LEU B 80 5.13 1.06 7.66
C LEU B 80 4.16 0.61 6.59
N GLN B 81 4.09 1.35 5.51
CA GLN B 81 3.27 0.97 4.36
CA GLN B 81 3.26 0.94 4.38
C GLN B 81 3.73 -0.39 3.83
N ARG B 82 5.05 -0.58 3.80
CA ARG B 82 5.62 -1.82 3.30
C ARG B 82 5.17 -3.03 4.11
N VAL B 83 5.06 -2.83 5.43
CA VAL B 83 4.57 -3.89 6.29
C VAL B 83 3.23 -4.39 5.79
N PHE B 84 2.34 -3.45 5.45
CA PHE B 84 0.98 -3.83 5.04
C PHE B 84 0.92 -4.43 3.65
N THR B 85 1.68 -3.86 2.74
CA THR B 85 1.62 -4.27 1.35
C THR B 85 2.27 -5.64 1.17
N ASN B 86 3.37 -5.89 1.90
CA ASN B 86 3.93 -7.24 1.98
C ASN B 86 2.90 -8.29 2.42
N CYS B 87 2.17 -7.98 3.48
CA CYS B 87 1.17 -8.90 4.01
C CYS B 87 0.01 -9.16 3.04
N LYS B 88 -0.44 -8.12 2.35
CA LYS B 88 -1.60 -8.26 1.46
C LYS B 88 -1.24 -8.94 0.17
N GLU B 89 -0.01 -8.70 -0.26
CA GLU B 89 0.53 -9.35 -1.42
C GLU B 89 0.70 -10.86 -1.23
N TYR B 90 1.12 -11.27 -0.03
CA TYR B 90 1.44 -12.66 0.24
C TYR B 90 0.21 -13.49 0.70
N ASN B 91 -0.65 -12.92 1.54
CA ASN B 91 -1.77 -13.67 2.12
C ASN B 91 -3.11 -13.55 1.36
N PRO B 92 -4.01 -14.57 1.51
CA PRO B 92 -5.40 -14.50 1.02
C PRO B 92 -6.22 -13.36 1.60
N PRO B 93 -7.15 -12.79 0.81
CA PRO B 93 -7.87 -11.57 1.19
C PRO B 93 -8.68 -11.70 2.47
N GLU B 94 -9.26 -12.89 2.70
CA GLU B 94 -10.06 -13.15 3.90
C GLU B 94 -9.26 -13.86 4.99
N SER B 95 -7.93 -13.92 4.86
CA SER B 95 -7.08 -14.43 5.96
C SER B 95 -7.06 -13.44 7.12
N GLU B 96 -6.85 -13.97 8.32
CA GLU B 96 -6.76 -13.15 9.52
C GLU B 96 -5.68 -12.10 9.39
N TYR B 97 -4.56 -12.46 8.75
CA TYR B 97 -3.42 -11.53 8.61
C TYR B 97 -3.79 -10.36 7.70
N TYR B 98 -4.47 -10.65 6.59
CA TYR B 98 -4.92 -9.61 5.66
C TYR B 98 -5.88 -8.65 6.36
N LYS B 99 -6.89 -9.18 7.05
CA LYS B 99 -7.82 -8.35 7.85
C LYS B 99 -7.07 -7.43 8.82
N CYS B 100 -6.13 -8.01 9.59
CA CYS B 100 -5.32 -7.24 10.55
C CYS B 100 -4.53 -6.13 9.89
N ALA B 101 -3.97 -6.43 8.73
CA ALA B 101 -3.23 -5.42 7.96
C ALA B 101 -4.07 -4.18 7.68
N ASN B 102 -5.33 -4.36 7.29
CA ASN B 102 -6.22 -3.24 6.93
C ASN B 102 -6.78 -2.51 8.11
N ILE B 103 -7.10 -3.24 9.18
CA ILE B 103 -7.50 -2.61 10.42
C ILE B 103 -6.34 -1.74 10.93
N LEU B 104 -5.13 -2.29 10.91
CA LEU B 104 -3.98 -1.58 11.47
C LEU B 104 -3.58 -0.41 10.59
N GLU B 105 -3.71 -0.59 9.29
CA GLU B 105 -3.44 0.49 8.35
C GLU B 105 -4.40 1.66 8.55
N LYS B 106 -5.68 1.36 8.69
CA LYS B 106 -6.68 2.41 9.01
C LYS B 106 -6.27 3.18 10.25
N PHE B 107 -5.87 2.44 11.29
CA PHE B 107 -5.51 3.03 12.57
C PHE B 107 -4.31 3.93 12.38
N PHE B 108 -3.30 3.38 11.72
CA PHE B 108 -2.11 4.10 11.33
C PHE B 108 -2.40 5.44 10.64
N PHE B 109 -3.19 5.43 9.57
CA PHE B 109 -3.49 6.68 8.84
C PHE B 109 -4.19 7.68 9.73
N SER B 110 -5.07 7.22 10.62
CA SER B 110 -5.78 8.12 11.53
C SER B 110 -4.80 8.79 12.50
N LYS B 111 -3.77 8.05 12.92
CA LYS B 111 -2.76 8.60 13.83
C LYS B 111 -1.79 9.58 13.16
N ILE B 112 -1.42 9.33 11.90
CA ILE B 112 -0.53 10.26 11.17
C ILE B 112 -1.26 11.56 10.81
N LYS B 113 -2.54 11.46 10.43
CA LYS B 113 -3.36 12.64 10.20
C LYS B 113 -3.53 13.43 11.51
N GLU B 114 -3.76 12.74 12.62
CA GLU B 114 -3.83 13.39 13.96
C GLU B 114 -2.61 14.22 14.30
N ALA B 115 -1.42 13.71 13.96
CA ALA B 115 -0.15 14.38 14.26
C ALA B 115 0.22 15.48 13.25
N GLY B 116 -0.44 15.50 12.08
CA GLY B 116 -0.12 16.45 11.02
C GLY B 116 1.20 16.15 10.32
N LEU B 117 1.50 14.85 10.14
CA LEU B 117 2.64 14.37 9.35
C LEU B 117 2.26 14.27 7.85
N ILE B 118 1.22 13.49 7.55
CA ILE B 118 0.62 13.41 6.20
C ILE B 118 -0.87 13.78 6.26
CAN 5X0 C . -12.80 10.61 -9.28
CAL 5X0 C . -13.91 10.09 -10.15
OAS 5X0 C . -14.90 9.45 -9.33
CAM 5X0 C . -15.59 10.41 -8.54
CAO 5X0 C . -14.63 11.15 -7.64
CBB 5X0 C . -13.21 10.64 -7.80
OAU 5X0 C . -12.20 11.46 -7.05
CAZ 5X0 C . -12.43 12.01 -5.78
CBA 5X0 C . -11.67 11.52 -4.67
CAK 5X0 C . -11.91 12.12 -3.42
CAW 5X0 C . -10.69 10.48 -4.72
OAC 5X0 C . -9.83 10.41 -3.84
NAQ 5X0 C . -10.78 9.56 -5.70
CAA 5X0 C . -9.76 8.50 -5.76
CAJ 5X0 C . -13.35 13.06 -5.58
CAI 5X0 C . -13.56 13.62 -4.31
CAY 5X0 C . -12.82 13.15 -3.22
OAT 5X0 C . -12.97 13.62 -1.93
CAP 5X0 C . -13.48 14.94 -1.67
CAV 5X0 C . -13.27 15.27 -0.17
OAB 5X0 C . -13.74 16.30 0.31
NAR 5X0 C . -12.57 14.33 0.50
CAX 5X0 C . -12.29 14.50 1.81
CAG 5X0 C . -13.29 14.36 2.78
CAE 5X0 C . -12.97 14.51 4.12
CAD 5X0 C . -11.65 14.80 4.51
CAF 5X0 C . -10.65 14.93 3.56
CAH 5X0 C . -10.97 14.77 2.21
C1 EDO D . 15.13 7.61 23.12
O1 EDO D . 15.16 7.12 24.46
C2 EDO D . 16.51 8.14 22.72
O2 EDO D . 17.50 7.14 22.96
C1 EDO E . 15.88 0.92 -2.66
O1 EDO E . 15.23 -0.33 -2.39
C2 EDO E . 15.83 1.80 -1.41
O2 EDO E . 15.90 3.18 -1.79
CAN 5X0 F . 2.64 -14.79 12.20
CAL 5X0 F . 2.46 -13.88 13.30
OAS 5X0 F . 3.50 -14.10 14.26
CAM 5X0 F . 4.80 -13.66 13.82
CAO 5X0 F . 4.89 -13.49 12.28
CBB 5X0 F . 4.01 -14.52 11.53
OAU 5X0 F . 3.83 -14.04 10.15
CAZ 5X0 F . 3.43 -14.92 9.16
CBA 5X0 F . 2.90 -14.35 7.97
CAK 5X0 F . 2.50 -15.24 6.95
CAW 5X0 F . 2.79 -12.94 7.73
OAC 5X0 F . 2.57 -12.52 6.59
NAQ 5X0 F . 2.95 -12.11 8.79
CAA 5X0 F . 2.85 -10.64 8.58
CAJ 5X0 F . 3.50 -16.32 9.30
CAI 5X0 F . 3.09 -17.17 8.28
CAY 5X0 F . 2.58 -16.64 7.10
OAT 5X0 F . 2.19 -17.47 6.09
CAP 5X0 F . 1.19 -18.41 6.48
CAV 5X0 F . 0.55 -18.96 5.20
OAB 5X0 F . 0.62 -20.16 4.94
NAR 5X0 F . -0.07 -18.02 4.44
CAX 5X0 F . -0.66 -18.39 3.29
CAG 5X0 F . -1.96 -18.88 3.30
CAE 5X0 F . -2.57 -19.26 2.10
CAD 5X0 F . -1.87 -19.14 0.90
CAF 5X0 F . -0.56 -18.65 0.89
CAH 5X0 F . 0.05 -18.28 2.08
#